data_8QM6
#
_entry.id   8QM6
#
_cell.length_a   47.293
_cell.length_b   69.344
_cell.length_c   64.771
_cell.angle_alpha   90.00
_cell.angle_beta   96.13
_cell.angle_gamma   90.00
#
_symmetry.space_group_name_H-M   'P 1 21 1'
#
loop_
_entity.id
_entity.type
_entity.pdbx_description
1 polymer 'Eukaryotic translation initiation factor 4E'
2 non-polymer 'DIMETHYL SULFOXIDE'
3 non-polymer (1~{S})-1-[4-(2-fluorophenyl)phenyl]ethanol
4 non-polymer (1~{R})-1-[4-(2-fluorophenyl)phenyl]ethanol
5 non-polymer DI(HYDROXYETHYL)ETHER
6 non-polymer 'TRIETHYLENE GLYCOL'
7 water water
#
_entity_poly.entity_id   1
_entity_poly.type   'polypeptide(L)'
_entity_poly.pdbx_seq_one_letter_code
;MHHHHHHGARIIYDRAFLMACRGGGGENLYFQGKHPLQNRWALWFFKNDKSKTWQANLRLISKFDTVEDFWALYNHIQLS
SNLMPGCDYSLFKDGIEPMWEDEKNKRGGRWLITLNKQQRRSDLNRFWLETLLCLIGESFDDYSDDVCGAVVNVRAKGDK
IAIWTTECENREAVTHIGRVYKERLGLPPKIVIGYQSHADTATKSGSTTKNRFVV
;
_entity_poly.pdbx_strand_id   A,B
#
# COMPACT_ATOMS: atom_id res chain seq x y z
N ALA A 9 -16.94 21.84 -10.26
CA ALA A 9 -16.12 21.98 -11.46
C ALA A 9 -14.74 21.38 -11.19
N ARG A 10 -14.03 20.97 -12.25
CA ARG A 10 -12.76 20.28 -12.06
C ARG A 10 -11.70 21.21 -11.47
N ILE A 11 -10.95 20.70 -10.50
CA ILE A 11 -9.80 21.40 -9.97
C ILE A 11 -8.60 21.21 -10.93
N ILE A 12 -8.24 22.26 -11.69
CA ILE A 12 -7.16 22.23 -12.64
C ILE A 12 -6.12 23.26 -12.23
N TYR A 13 -4.83 22.86 -12.23
CA TYR A 13 -3.70 23.73 -11.95
C TYR A 13 -2.77 23.64 -13.12
N ASP A 14 -2.36 24.79 -13.61
CA ASP A 14 -1.31 24.83 -14.59
C ASP A 14 0.06 24.71 -13.94
N ARG A 15 1.09 24.55 -14.77
CA ARG A 15 2.46 24.33 -14.32
C ARG A 15 2.94 25.49 -13.44
N ALA A 16 2.70 26.75 -13.89
CA ALA A 16 3.12 27.97 -13.16
C ALA A 16 2.53 27.94 -11.76
N PHE A 17 1.23 27.64 -11.61
CA PHE A 17 0.60 27.61 -10.29
C PHE A 17 1.19 26.56 -9.35
N LEU A 18 1.36 25.32 -9.84
CA LEU A 18 1.96 24.25 -9.03
C LEU A 18 3.38 24.58 -8.57
N MET A 19 4.20 25.11 -9.46
CA MET A 19 5.54 25.54 -9.14
C MET A 19 5.53 26.66 -8.08
N ALA A 20 4.57 27.59 -8.16
CA ALA A 20 4.46 28.68 -7.17
C ALA A 20 4.13 28.16 -5.76
N CYS A 21 3.47 26.99 -5.63
CA CYS A 21 3.15 26.37 -4.33
C CYS A 21 4.32 25.59 -3.70
N ARG A 22 5.45 25.52 -4.36
CA ARG A 22 6.58 24.69 -3.95
C ARG A 22 7.38 25.47 -2.90
N GLY A 23 7.41 24.97 -1.68
CA GLY A 23 7.57 25.82 -0.50
C GLY A 23 6.65 25.41 0.62
N GLY A 24 7.24 25.02 1.75
CA GLY A 24 6.49 24.70 2.95
C GLY A 24 5.96 25.89 3.74
N GLY A 25 6.18 27.12 3.25
CA GLY A 25 5.86 28.33 4.00
C GLY A 25 4.49 28.37 4.65
N GLY A 26 3.49 27.80 3.96
CA GLY A 26 2.11 27.75 4.43
C GLY A 26 1.88 27.46 5.91
N GLU A 27 1.07 28.28 6.55
CA GLU A 27 0.67 28.02 7.94
C GLU A 27 -0.42 26.92 7.98
N ASN A 28 -1.26 26.82 6.93
CA ASN A 28 -2.42 25.94 6.88
C ASN A 28 -3.40 26.27 8.01
N LEU A 29 -3.68 27.57 8.17
CA LEU A 29 -4.65 28.01 9.19
C LEU A 29 -5.98 27.30 9.02
N TYR A 30 -6.54 26.82 10.13
CA TYR A 30 -7.83 26.16 10.15
C TYR A 30 -7.84 24.81 9.38
N PHE A 31 -6.66 24.25 9.03
CA PHE A 31 -6.52 23.12 8.04
C PHE A 31 -7.20 23.43 6.72
N GLN A 32 -7.23 24.75 6.34
CA GLN A 32 -7.94 25.18 5.10
C GLN A 32 -7.02 25.98 4.16
N GLY A 33 -5.74 25.96 4.37
CA GLY A 33 -4.80 26.79 3.63
C GLY A 33 -4.11 26.06 2.48
N LYS A 34 -4.28 24.75 2.35
CA LYS A 34 -3.62 23.99 1.29
C LYS A 34 -4.51 23.93 0.06
N HIS A 35 -3.90 23.72 -1.12
CA HIS A 35 -4.63 23.71 -2.37
C HIS A 35 -5.08 22.29 -2.68
N PRO A 36 -6.38 21.97 -2.66
CA PRO A 36 -6.81 20.58 -2.87
C PRO A 36 -6.60 20.13 -4.31
N LEU A 37 -6.31 18.86 -4.52
CA LEU A 37 -6.18 18.27 -5.84
C LEU A 37 -7.53 17.67 -6.22
N GLN A 38 -7.82 17.55 -7.55
CA GLN A 38 -9.01 16.90 -8.02
C GLN A 38 -9.11 15.46 -7.55
N ASN A 39 -7.95 14.76 -7.48
CA ASN A 39 -7.85 13.38 -7.08
C ASN A 39 -6.87 13.19 -5.96
N ARG A 40 -7.09 12.11 -5.22
CA ARG A 40 -6.12 11.60 -4.29
C ARG A 40 -5.24 10.60 -5.03
N TRP A 41 -3.94 10.66 -4.76
CA TRP A 41 -2.89 9.94 -5.51
C TRP A 41 -2.02 9.15 -4.56
N ALA A 42 -1.55 7.98 -5.02
CA ALA A 42 -0.72 7.06 -4.26
C ALA A 42 0.61 6.81 -5.00
N LEU A 43 1.72 6.94 -4.27
CA LEU A 43 3.05 6.68 -4.75
C LEU A 43 3.46 5.28 -4.35
N TRP A 44 3.87 4.51 -5.34
CA TRP A 44 4.28 3.16 -5.22
C TRP A 44 5.72 3.00 -5.66
N PHE A 45 6.36 1.98 -5.10
CA PHE A 45 7.71 1.54 -5.41
C PHE A 45 7.71 0.05 -5.69
N PHE A 46 8.47 -0.39 -6.69
CA PHE A 46 8.61 -1.80 -7.06
C PHE A 46 10.04 -2.11 -7.39
N LYS A 47 10.63 -3.14 -6.77
CA LYS A 47 11.89 -3.74 -7.26
C LYS A 47 11.63 -5.14 -7.79
N ASN A 48 12.16 -5.52 -8.97
CA ASN A 48 11.90 -6.83 -9.56
C ASN A 48 12.87 -7.88 -9.02
N ASP A 49 12.78 -8.11 -7.70
CA ASP A 49 13.59 -9.12 -7.02
C ASP A 49 12.96 -10.49 -7.28
N LYS A 50 13.62 -11.30 -8.11
CA LYS A 50 13.09 -12.61 -8.50
C LYS A 50 13.04 -13.61 -7.33
N SER A 51 13.78 -13.37 -6.23
CA SER A 51 13.67 -14.23 -5.04
C SER A 51 12.33 -14.05 -4.28
N LYS A 52 11.59 -12.96 -4.55
CA LYS A 52 10.32 -12.68 -3.91
C LYS A 52 9.19 -12.67 -4.94
N THR A 53 7.95 -12.91 -4.48
CA THR A 53 6.79 -12.78 -5.37
C THR A 53 6.59 -11.31 -5.78
N TRP A 54 5.92 -11.03 -6.91
CA TRP A 54 5.64 -9.65 -7.32
C TRP A 54 4.91 -8.85 -6.25
N GLN A 55 4.10 -9.52 -5.41
CA GLN A 55 3.34 -8.85 -4.37
C GLN A 55 4.34 -8.26 -3.32
N ALA A 56 5.31 -9.05 -2.93
CA ALA A 56 6.27 -8.67 -1.92
C ALA A 56 7.16 -7.51 -2.37
N ASN A 57 7.41 -7.34 -3.65
CA ASN A 57 8.30 -6.26 -4.13
C ASN A 57 7.57 -4.91 -4.36
N LEU A 58 6.25 -4.91 -4.46
CA LEU A 58 5.44 -3.72 -4.62
C LEU A 58 5.07 -3.13 -3.29
N ARG A 59 5.52 -1.91 -3.03
CA ARG A 59 5.26 -1.18 -1.79
C ARG A 59 4.51 0.12 -2.05
N LEU A 60 3.44 0.39 -1.26
CA LEU A 60 2.85 1.73 -1.18
C LEU A 60 3.69 2.60 -0.29
N ILE A 61 4.18 3.72 -0.80
CA ILE A 61 4.99 4.66 0.00
C ILE A 61 4.09 5.64 0.73
N SER A 62 3.17 6.29 0.02
CA SER A 62 2.44 7.42 0.57
C SER A 62 1.28 7.81 -0.32
N LYS A 63 0.30 8.52 0.24
CA LYS A 63 -0.81 9.15 -0.51
C LYS A 63 -0.97 10.59 -0.13
N PHE A 64 -1.54 11.41 -1.01
CA PHE A 64 -1.68 12.85 -0.83
C PHE A 64 -2.83 13.36 -1.71
N ASP A 65 -3.37 14.53 -1.33
CA ASP A 65 -4.46 15.15 -2.07
C ASP A 65 -4.45 16.66 -2.06
N THR A 66 -3.30 17.28 -1.77
CA THR A 66 -3.09 18.69 -1.94
C THR A 66 -1.78 18.92 -2.67
N VAL A 67 -1.64 20.09 -3.29
CA VAL A 67 -0.42 20.52 -3.94
C VAL A 67 0.77 20.55 -2.99
N GLU A 68 0.55 21.11 -1.78
CA GLU A 68 1.60 21.26 -0.77
C GLU A 68 2.12 19.89 -0.26
N ASP A 69 1.21 18.94 -0.08
CA ASP A 69 1.62 17.59 0.35
C ASP A 69 2.36 16.81 -0.78
N PHE A 70 1.96 17.01 -2.03
CA PHE A 70 2.79 16.53 -3.17
C PHE A 70 4.23 17.02 -3.07
N TRP A 71 4.42 18.32 -2.93
CA TRP A 71 5.78 18.89 -2.88
C TRP A 71 6.59 18.42 -1.69
N ALA A 72 5.96 18.26 -0.53
CA ALA A 72 6.67 17.75 0.67
C ALA A 72 7.17 16.31 0.40
N LEU A 73 6.34 15.50 -0.17
CA LEU A 73 6.71 14.13 -0.54
C LEU A 73 7.76 14.11 -1.67
N TYR A 74 7.60 14.96 -2.69
CA TYR A 74 8.58 15.06 -3.79
C TYR A 74 9.96 15.41 -3.25
N ASN A 75 10.02 16.45 -2.45
CA ASN A 75 11.29 16.92 -1.88
C ASN A 75 11.95 15.85 -1.02
N HIS A 76 11.16 15.22 -0.18
CA HIS A 76 11.64 14.12 0.63
C HIS A 76 12.17 12.94 -0.19
N ILE A 77 11.43 12.46 -1.20
CA ILE A 77 11.92 11.37 -2.05
C ILE A 77 13.17 11.86 -2.87
N GLN A 78 13.17 13.13 -3.34
CA GLN A 78 14.26 13.64 -4.19
C GLN A 78 15.56 13.78 -3.36
N LEU A 79 15.47 14.33 -2.16
CA LEU A 79 16.60 14.44 -1.21
C LEU A 79 17.04 13.08 -0.67
N SER A 80 16.11 12.25 -0.19
CA SER A 80 16.46 10.99 0.49
C SER A 80 16.76 9.81 -0.45
N SER A 81 16.74 10.00 -1.78
CA SER A 81 16.78 8.83 -2.65
C SER A 81 17.31 9.11 -4.04
N ASN A 82 17.93 8.06 -4.60
CA ASN A 82 18.36 8.03 -5.97
C ASN A 82 17.73 6.73 -6.65
N LEU A 83 18.18 6.44 -7.88
CA LEU A 83 17.49 5.58 -8.80
C LEU A 83 18.27 4.33 -9.12
N MET A 84 17.94 3.25 -8.43
CA MET A 84 18.54 1.96 -8.71
C MET A 84 17.87 1.42 -9.98
N PRO A 85 18.62 1.08 -11.04
CA PRO A 85 18.05 0.20 -12.07
C PRO A 85 17.33 -1.04 -11.54
N GLY A 86 16.35 -1.48 -12.31
CA GLY A 86 15.46 -2.51 -11.86
C GLY A 86 14.35 -1.99 -10.97
N CYS A 87 14.44 -0.75 -10.47
CA CYS A 87 13.32 -0.16 -9.71
C CYS A 87 12.25 0.51 -10.68
N ASP A 88 11.05 0.69 -10.13
CA ASP A 88 9.98 1.43 -10.76
C ASP A 88 9.32 2.26 -9.64
N TYR A 89 8.98 3.49 -9.95
CA TYR A 89 8.12 4.32 -9.12
C TYR A 89 6.88 4.61 -9.96
N SER A 90 5.75 4.64 -9.33
CA SER A 90 4.47 4.81 -9.97
C SER A 90 3.62 5.75 -9.14
N LEU A 91 3.00 6.72 -9.76
CA LEU A 91 1.96 7.52 -9.11
C LEU A 91 0.62 7.22 -9.76
N PHE A 92 -0.35 6.69 -8.99
CA PHE A 92 -1.63 6.28 -9.48
C PHE A 92 -2.73 6.86 -8.65
N LYS A 93 -3.88 7.13 -9.28
CA LYS A 93 -5.08 7.59 -8.57
C LYS A 93 -5.41 6.58 -7.46
N ASP A 94 -5.86 7.07 -6.35
CA ASP A 94 -6.22 6.24 -5.20
C ASP A 94 -7.23 5.12 -5.61
N GLY A 95 -6.89 3.86 -5.32
CA GLY A 95 -7.68 2.70 -5.62
C GLY A 95 -7.33 1.97 -6.91
N ILE A 96 -6.28 2.43 -7.63
CA ILE A 96 -5.78 1.75 -8.81
C ILE A 96 -4.39 1.22 -8.48
N GLU A 97 -4.26 -0.10 -8.48
CA GLU A 97 -2.96 -0.72 -8.44
C GLU A 97 -2.11 -0.46 -9.72
N PRO A 98 -0.77 -0.24 -9.59
CA PRO A 98 0.06 0.00 -10.76
C PRO A 98 0.45 -1.31 -11.46
N MET A 99 -0.55 -2.12 -11.78
CA MET A 99 -0.39 -3.39 -12.46
C MET A 99 -1.48 -3.42 -13.54
N TRP A 100 -1.13 -3.91 -14.73
CA TRP A 100 -2.04 -3.79 -15.86
C TRP A 100 -3.31 -4.62 -15.67
N GLU A 101 -3.30 -5.64 -14.79
CA GLU A 101 -4.42 -6.51 -14.49
CA GLU A 101 -4.48 -6.47 -14.63
C GLU A 101 -5.48 -5.85 -13.65
N ASP A 102 -5.16 -4.66 -13.00
CA ASP A 102 -6.19 -3.91 -12.30
C ASP A 102 -7.38 -3.63 -13.22
N GLU A 103 -8.60 -3.69 -12.70
CA GLU A 103 -9.83 -3.38 -13.44
C GLU A 103 -9.73 -2.07 -14.23
N LYS A 104 -9.12 -1.05 -13.62
CA LYS A 104 -8.97 0.26 -14.27
C LYS A 104 -7.84 0.36 -15.29
N ASN A 105 -6.94 -0.66 -15.36
CA ASN A 105 -5.86 -0.71 -16.35
C ASN A 105 -6.03 -1.77 -17.42
N LYS A 106 -6.75 -2.86 -17.15
CA LYS A 106 -6.76 -4.01 -18.09
C LYS A 106 -7.26 -3.69 -19.50
N ARG A 107 -8.18 -2.77 -19.66
CA ARG A 107 -8.69 -2.37 -20.98
C ARG A 107 -7.94 -1.14 -21.56
N GLY A 108 -6.84 -0.74 -20.91
CA GLY A 108 -6.17 0.52 -21.22
C GLY A 108 -4.80 0.29 -21.80
N GLY A 109 -3.95 1.31 -21.64
CA GLY A 109 -2.66 1.34 -22.30
C GLY A 109 -1.82 2.47 -21.77
N ARG A 110 -0.76 2.79 -22.49
CA ARG A 110 0.16 3.83 -22.04
C ARG A 110 0.78 4.60 -23.14
N TRP A 111 1.00 5.88 -22.87
CA TRP A 111 1.87 6.74 -23.71
C TRP A 111 3.29 6.62 -23.16
N LEU A 112 4.22 6.13 -23.96
CA LEU A 112 5.54 5.73 -23.54
C LEU A 112 6.62 6.67 -24.14
N ILE A 113 7.55 7.15 -23.32
CA ILE A 113 8.76 7.76 -23.83
C ILE A 113 9.97 6.98 -23.31
N THR A 114 10.93 6.72 -24.18
CA THR A 114 12.13 5.96 -23.83
C THR A 114 13.28 6.93 -24.01
N LEU A 115 14.11 6.97 -22.98
CA LEU A 115 15.28 7.81 -22.83
C LEU A 115 16.49 6.89 -22.98
N ASN A 116 17.48 7.36 -23.72
CA ASN A 116 18.75 6.61 -23.85
C ASN A 116 19.60 6.93 -22.60
N LYS A 117 20.71 6.23 -22.48
CA LYS A 117 21.58 6.21 -21.30
C LYS A 117 22.07 7.62 -20.86
N GLN A 118 22.47 8.46 -21.81
CA GLN A 118 22.88 9.84 -21.50
C GLN A 118 21.74 10.64 -20.89
N GLN A 119 20.51 10.35 -21.34
CA GLN A 119 19.35 11.11 -20.90
C GLN A 119 18.97 10.81 -19.50
N ARG A 120 19.53 9.75 -18.82
CA ARG A 120 19.42 9.60 -17.37
C ARG A 120 19.89 10.86 -16.64
N ARG A 121 21.00 11.47 -17.13
CA ARG A 121 21.60 12.61 -16.43
C ARG A 121 20.85 13.87 -16.84
N SER A 122 20.52 14.03 -18.12
CA SER A 122 19.95 15.28 -18.62
C SER A 122 18.42 15.45 -18.50
N ASP A 123 17.61 14.40 -18.85
CA ASP A 123 16.16 14.54 -19.01
C ASP A 123 15.31 13.76 -18.01
N LEU A 124 15.83 12.72 -17.37
CA LEU A 124 14.99 11.89 -16.50
C LEU A 124 14.29 12.68 -15.40
N ASN A 125 15.03 13.46 -14.59
CA ASN A 125 14.40 14.18 -13.49
C ASN A 125 13.34 15.18 -13.95
N ARG A 126 13.66 15.92 -14.98
CA ARG A 126 12.76 16.94 -15.56
C ARG A 126 11.50 16.29 -16.16
N PHE A 127 11.67 15.28 -17.00
CA PHE A 127 10.52 14.62 -17.63
C PHE A 127 9.62 13.95 -16.63
N TRP A 128 10.20 13.32 -15.61
CA TRP A 128 9.40 12.68 -14.57
C TRP A 128 8.57 13.73 -13.81
N LEU A 129 9.20 14.82 -13.37
CA LEU A 129 8.46 15.92 -12.75
C LEU A 129 7.34 16.47 -13.64
N GLU A 130 7.60 16.78 -14.91
CA GLU A 130 6.59 17.31 -15.82
C GLU A 130 5.39 16.34 -15.93
N THR A 131 5.68 15.03 -15.99
CA THR A 131 4.66 13.97 -15.98
C THR A 131 3.80 14.06 -14.74
N LEU A 132 4.44 14.13 -13.57
CA LEU A 132 3.76 14.23 -12.27
C LEU A 132 2.85 15.45 -12.21
N LEU A 133 3.32 16.57 -12.72
CA LEU A 133 2.49 17.80 -12.76
C LEU A 133 1.26 17.70 -13.68
N CYS A 134 1.37 16.98 -14.77
CA CYS A 134 0.24 16.73 -15.68
C CYS A 134 -0.84 15.92 -14.97
N LEU A 135 -0.40 14.97 -14.14
CA LEU A 135 -1.33 14.14 -13.42
C LEU A 135 -2.05 14.98 -12.37
N ILE A 136 -1.31 15.54 -11.41
CA ILE A 136 -1.94 16.15 -10.25
C ILE A 136 -2.70 17.42 -10.65
N GLY A 137 -2.23 18.12 -11.67
CA GLY A 137 -2.89 19.35 -12.14
C GLY A 137 -4.08 19.14 -13.04
N GLU A 138 -4.40 17.87 -13.44
CA GLU A 138 -5.57 17.56 -14.31
C GLU A 138 -5.43 18.28 -15.64
N SER A 139 -4.32 18.05 -16.30
CA SER A 139 -3.89 18.87 -17.43
C SER A 139 -4.53 18.47 -18.74
N PHE A 140 -5.39 17.45 -18.74
CA PHE A 140 -6.02 16.95 -19.95
C PHE A 140 -7.52 17.27 -20.00
N ASP A 141 -7.98 18.28 -19.25
CA ASP A 141 -9.40 18.70 -19.31
C ASP A 141 -10.30 17.48 -18.91
N ASP A 142 -11.46 17.23 -19.55
CA ASP A 142 -12.29 16.12 -19.08
C ASP A 142 -11.58 14.78 -19.25
N TYR A 143 -10.60 14.69 -20.21
CA TYR A 143 -9.87 13.46 -20.47
C TYR A 143 -8.91 13.09 -19.35
N SER A 144 -8.65 14.00 -18.38
CA SER A 144 -7.91 13.65 -17.17
C SER A 144 -8.53 12.51 -16.41
N ASP A 145 -9.85 12.31 -16.51
CA ASP A 145 -10.52 11.16 -15.92
C ASP A 145 -10.08 9.83 -16.51
N ASP A 146 -9.60 9.81 -17.76
CA ASP A 146 -9.02 8.60 -18.33
C ASP A 146 -7.64 8.25 -17.82
N VAL A 147 -6.91 9.18 -17.24
CA VAL A 147 -5.60 8.90 -16.69
C VAL A 147 -5.74 7.98 -15.48
N CYS A 148 -4.94 6.93 -15.40
CA CYS A 148 -4.79 6.07 -14.21
C CYS A 148 -3.60 6.45 -13.35
N GLY A 149 -2.48 6.72 -14.01
CA GLY A 149 -1.27 7.12 -13.34
C GLY A 149 -0.12 7.15 -14.27
N ALA A 150 1.08 7.15 -13.72
CA ALA A 150 2.33 7.24 -14.50
C ALA A 150 3.37 6.39 -13.82
N VAL A 151 4.31 5.90 -14.61
CA VAL A 151 5.34 4.93 -14.19
C VAL A 151 6.67 5.36 -14.76
N VAL A 152 7.70 5.39 -13.91
CA VAL A 152 9.05 5.48 -14.40
C VAL A 152 9.77 4.17 -14.11
N ASN A 153 10.40 3.59 -15.15
CA ASN A 153 11.23 2.39 -15.06
C ASN A 153 12.65 2.84 -15.22
N VAL A 154 13.40 2.71 -14.16
CA VAL A 154 14.82 3.05 -14.13
C VAL A 154 15.57 1.80 -14.61
N ARG A 155 16.25 1.90 -15.71
CA ARG A 155 16.92 0.75 -16.31
C ARG A 155 18.30 1.16 -16.84
N ALA A 156 19.30 0.25 -16.73
CA ALA A 156 20.67 0.44 -17.25
C ALA A 156 20.69 0.72 -18.76
N LYS A 157 19.89 -0.01 -19.53
CA LYS A 157 19.84 0.15 -20.99
C LYS A 157 19.10 1.43 -21.44
N GLY A 158 18.34 2.09 -20.54
CA GLY A 158 17.53 3.22 -20.93
C GLY A 158 16.24 3.31 -20.13
N ASP A 159 15.89 4.50 -19.70
CA ASP A 159 14.80 4.67 -18.74
C ASP A 159 13.52 4.86 -19.55
N LYS A 160 12.40 4.53 -18.95
CA LYS A 160 11.09 4.67 -19.59
C LYS A 160 10.17 5.46 -18.70
N ILE A 161 9.44 6.39 -19.25
CA ILE A 161 8.39 7.13 -18.53
C ILE A 161 7.12 6.94 -19.30
N ALA A 162 6.00 6.71 -18.60
CA ALA A 162 4.72 6.45 -19.28
C ALA A 162 3.52 7.00 -18.49
N ILE A 163 2.49 7.49 -19.18
CA ILE A 163 1.20 7.78 -18.57
C ILE A 163 0.27 6.64 -18.98
N TRP A 164 -0.33 6.03 -18.00
CA TRP A 164 -1.25 4.91 -18.14
C TRP A 164 -2.66 5.49 -18.19
N THR A 165 -3.44 5.05 -19.18
CA THR A 165 -4.87 5.45 -19.28
C THR A 165 -5.80 4.19 -19.26
N THR A 166 -7.07 4.44 -18.99
CA THR A 166 -7.98 3.36 -18.56
C THR A 166 -8.61 2.57 -19.71
N GLU A 167 -8.71 3.17 -20.86
CA GLU A 167 -9.55 2.61 -21.93
C GLU A 167 -9.05 2.88 -23.34
N CYS A 168 -8.52 1.83 -23.94
CA CYS A 168 -8.08 1.72 -25.34
C CYS A 168 -8.90 2.37 -26.36
N GLU A 169 -10.18 2.15 -26.22
CA GLU A 169 -11.16 2.49 -27.24
C GLU A 169 -11.64 3.91 -27.16
N ASN A 170 -11.19 4.68 -26.16
CA ASN A 170 -11.50 6.08 -26.04
C ASN A 170 -10.44 6.81 -26.84
N ARG A 171 -10.53 6.67 -28.13
CA ARG A 171 -9.61 7.29 -29.05
C ARG A 171 -9.42 8.81 -28.84
N GLU A 172 -10.50 9.62 -28.79
CA GLU A 172 -10.40 11.06 -28.59
C GLU A 172 -9.65 11.39 -27.29
N ALA A 173 -10.01 10.74 -26.16
CA ALA A 173 -9.31 10.93 -24.90
C ALA A 173 -7.82 10.58 -24.97
N VAL A 174 -7.49 9.41 -25.52
CA VAL A 174 -6.15 8.91 -25.59
C VAL A 174 -5.28 9.85 -26.43
N THR A 175 -5.77 10.28 -27.59
CA THR A 175 -4.96 11.12 -28.48
C THR A 175 -4.77 12.54 -27.91
N HIS A 176 -5.79 13.11 -27.26
CA HIS A 176 -5.66 14.38 -26.60
C HIS A 176 -4.61 14.34 -25.49
N ILE A 177 -4.62 13.25 -24.71
CA ILE A 177 -3.67 13.09 -23.61
C ILE A 177 -2.24 13.05 -24.21
N GLY A 178 -2.05 12.27 -25.25
CA GLY A 178 -0.78 12.16 -25.92
C GLY A 178 -0.23 13.46 -26.44
N ARG A 179 -1.05 14.24 -27.15
CA ARG A 179 -0.67 15.54 -27.75
C ARG A 179 -0.28 16.55 -26.68
N VAL A 180 -1.13 16.67 -25.61
CA VAL A 180 -0.85 17.56 -24.51
C VAL A 180 0.39 17.12 -23.74
N TYR A 181 0.54 15.81 -23.47
CA TYR A 181 1.70 15.30 -22.75
C TYR A 181 2.99 15.67 -23.51
N LYS A 182 3.02 15.42 -24.82
CA LYS A 182 4.18 15.66 -25.65
C LYS A 182 4.52 17.16 -25.61
N GLU A 183 3.53 18.02 -25.63
CA GLU A 183 3.69 19.47 -25.55
C GLU A 183 4.28 19.86 -24.19
N ARG A 184 3.78 19.26 -23.12
CA ARG A 184 4.25 19.54 -21.79
C ARG A 184 5.66 19.04 -21.56
N LEU A 185 6.06 18.00 -22.25
CA LEU A 185 7.44 17.53 -22.18
C LEU A 185 8.38 18.43 -22.98
N GLY A 186 7.86 19.23 -23.92
CA GLY A 186 8.66 20.06 -24.80
C GLY A 186 9.43 19.26 -25.82
N LEU A 187 8.88 18.09 -26.22
CA LEU A 187 9.62 17.25 -27.16
C LEU A 187 9.59 17.89 -28.52
N PRO A 188 10.71 17.85 -29.29
CA PRO A 188 10.62 18.26 -30.71
C PRO A 188 9.50 17.53 -31.45
N PRO A 189 8.74 18.22 -32.31
CA PRO A 189 7.77 17.52 -33.19
C PRO A 189 8.29 16.29 -33.93
N LYS A 190 9.61 16.28 -34.26
CA LYS A 190 10.33 15.14 -34.86
C LYS A 190 10.22 13.89 -33.97
N ILE A 191 10.34 14.06 -32.65
CA ILE A 191 10.34 12.95 -31.70
C ILE A 191 8.91 12.49 -31.47
N VAL A 192 8.58 11.27 -31.88
CA VAL A 192 7.22 10.73 -31.78
C VAL A 192 7.07 9.84 -30.55
N ILE A 193 5.86 9.86 -29.94
CA ILE A 193 5.54 9.02 -28.81
C ILE A 193 4.42 8.06 -29.22
N GLY A 194 4.53 6.82 -28.79
CA GLY A 194 3.56 5.80 -29.11
C GLY A 194 2.70 5.45 -27.91
N TYR A 195 1.45 5.08 -28.19
CA TYR A 195 0.50 4.53 -27.24
C TYR A 195 0.36 3.07 -27.55
N GLN A 196 0.53 2.25 -26.53
CA GLN A 196 0.44 0.84 -26.60
C GLN A 196 -0.58 0.34 -25.63
N SER A 197 -1.51 -0.53 -26.09
CA SER A 197 -2.46 -1.19 -25.18
C SER A 197 -1.69 -2.14 -24.28
N HIS A 198 -2.07 -2.23 -23.03
CA HIS A 198 -1.39 -3.14 -22.12
C HIS A 198 -1.53 -4.61 -22.52
N ALA A 199 -2.65 -5.00 -23.14
CA ALA A 199 -2.81 -6.40 -23.62
C ALA A 199 -1.75 -6.71 -24.67
N ASP A 200 -1.37 -5.75 -25.55
CA ASP A 200 -0.27 -5.95 -26.50
C ASP A 200 1.15 -5.92 -25.87
N THR A 201 1.41 -5.00 -24.92
CA THR A 201 2.68 -5.00 -24.19
C THR A 201 2.91 -6.34 -23.45
N ALA A 202 1.85 -6.95 -22.94
CA ALA A 202 1.96 -8.15 -22.13
C ALA A 202 2.42 -9.37 -22.94
N THR A 203 2.16 -9.38 -24.25
CA THR A 203 2.54 -10.49 -25.11
C THR A 203 3.87 -10.15 -25.71
N LYS A 204 4.86 -11.03 -25.55
CA LYS A 204 6.17 -10.81 -26.15
C LYS A 204 6.10 -11.48 -27.49
N SER A 205 6.10 -10.67 -28.54
CA SER A 205 5.93 -11.14 -29.93
C SER A 205 7.08 -10.76 -30.86
N GLY A 206 8.22 -10.35 -30.31
CA GLY A 206 9.40 -9.99 -31.12
C GLY A 206 10.15 -8.85 -30.46
N SER A 207 10.85 -8.03 -31.26
CA SER A 207 11.59 -6.87 -30.69
C SER A 207 10.70 -5.69 -30.35
N THR A 208 9.46 -5.61 -30.93
CA THR A 208 8.62 -4.41 -30.82
C THR A 208 7.23 -4.73 -30.31
N THR A 209 6.57 -3.70 -29.73
CA THR A 209 5.15 -3.71 -29.41
C THR A 209 4.45 -2.70 -30.30
N LYS A 210 3.33 -3.11 -30.92
CA LYS A 210 2.64 -2.23 -31.82
C LYS A 210 2.03 -1.04 -31.07
N ASN A 211 2.14 0.12 -31.71
CA ASN A 211 1.50 1.33 -31.29
C ASN A 211 0.08 1.39 -31.86
N ARG A 212 -0.95 1.45 -31.01
CA ARG A 212 -2.33 1.78 -31.40
C ARG A 212 -2.42 3.20 -31.95
N PHE A 213 -1.68 4.16 -31.32
CA PHE A 213 -1.66 5.55 -31.80
C PHE A 213 -0.20 6.12 -31.67
N VAL A 214 0.16 7.15 -32.44
CA VAL A 214 1.47 7.83 -32.32
C VAL A 214 1.22 9.37 -32.45
N VAL A 215 1.94 10.20 -31.69
CA VAL A 215 1.83 11.67 -31.81
C VAL A 215 3.24 12.24 -31.75
N ALA B 9 -6.60 13.84 6.95
CA ALA B 9 -7.05 13.27 8.24
C ALA B 9 -7.09 11.74 8.16
N ARG B 10 -6.96 11.05 9.30
CA ARG B 10 -6.94 9.59 9.33
C ARG B 10 -8.27 9.00 8.83
N ILE B 11 -8.17 7.98 7.97
CA ILE B 11 -9.32 7.19 7.51
C ILE B 11 -9.67 6.15 8.60
N ILE B 12 -10.80 6.38 9.32
CA ILE B 12 -11.25 5.53 10.40
C ILE B 12 -12.64 4.99 10.03
N TYR B 13 -12.83 3.66 10.19
CA TYR B 13 -14.09 2.99 9.97
C TYR B 13 -14.45 2.27 11.24
N ASP B 14 -15.67 2.45 11.67
CA ASP B 14 -16.20 1.65 12.75
C ASP B 14 -16.64 0.30 12.24
N ARG B 15 -16.98 -0.58 13.20
CA ARG B 15 -17.38 -1.94 12.90
C ARG B 15 -18.61 -1.99 12.00
N ALA B 16 -19.66 -1.18 12.32
CA ALA B 16 -20.91 -1.13 11.56
C ALA B 16 -20.60 -0.80 10.11
N PHE B 17 -19.76 0.20 9.84
CA PHE B 17 -19.45 0.59 8.47
C PHE B 17 -18.73 -0.52 7.68
N LEU B 18 -17.70 -1.13 8.28
CA LEU B 18 -16.98 -2.24 7.62
C LEU B 18 -17.89 -3.42 7.29
N MET B 19 -18.74 -3.78 8.23
CA MET B 19 -19.70 -4.86 8.01
C MET B 19 -20.68 -4.53 6.90
N ALA B 20 -21.11 -3.25 6.79
CA ALA B 20 -22.01 -2.82 5.71
C ALA B 20 -21.39 -2.94 4.34
N CYS B 21 -20.03 -2.87 4.21
CA CYS B 21 -19.32 -3.02 2.94
C CYS B 21 -19.11 -4.49 2.51
N ARG B 22 -19.56 -5.46 3.29
CA ARG B 22 -19.27 -6.86 3.04
C ARG B 22 -20.34 -7.47 2.12
N GLY B 23 -19.92 -8.19 1.08
CA GLY B 23 -20.82 -8.89 0.19
C GLY B 23 -20.68 -10.41 0.26
N LYS B 34 -14.65 2.00 -4.35
CA LYS B 34 -14.17 1.26 -3.18
C LYS B 34 -13.71 2.18 -2.07
N HIS B 35 -13.82 1.71 -0.82
CA HIS B 35 -13.51 2.53 0.35
C HIS B 35 -12.03 2.35 0.71
N PRO B 36 -11.18 3.39 0.59
CA PRO B 36 -9.75 3.22 0.85
C PRO B 36 -9.46 3.01 2.32
N LEU B 37 -8.44 2.19 2.64
CA LEU B 37 -7.92 2.04 3.98
C LEU B 37 -6.85 3.05 4.27
N GLN B 38 -6.65 3.45 5.56
CA GLN B 38 -5.56 4.31 5.95
C GLN B 38 -4.21 3.73 5.58
N ASN B 39 -4.09 2.38 5.67
CA ASN B 39 -2.88 1.65 5.36
C ASN B 39 -3.14 0.54 4.35
N ARG B 40 -2.05 0.16 3.67
CA ARG B 40 -1.98 -1.05 2.89
C ARG B 40 -1.46 -2.15 3.79
N TRP B 41 -2.05 -3.33 3.65
CA TRP B 41 -1.87 -4.48 4.55
C TRP B 41 -1.51 -5.71 3.75
N ALA B 42 -0.66 -6.57 4.34
CA ALA B 42 -0.20 -7.81 3.73
C ALA B 42 -0.53 -9.02 4.64
N LEU B 43 -1.14 -10.03 4.04
CA LEU B 43 -1.50 -11.28 4.69
C LEU B 43 -0.44 -12.30 4.42
N TRP B 44 0.07 -12.86 5.50
CA TRP B 44 1.11 -13.83 5.52
C TRP B 44 0.62 -15.12 6.14
N PHE B 45 1.26 -16.20 5.71
CA PHE B 45 1.05 -17.55 6.20
C PHE B 45 2.39 -18.16 6.57
N PHE B 46 2.44 -18.87 7.69
CA PHE B 46 3.65 -19.55 8.15
C PHE B 46 3.29 -20.92 8.68
N LYS B 47 3.98 -21.97 8.18
CA LYS B 47 3.97 -23.28 8.84
C LYS B 47 5.36 -23.56 9.41
N ASN B 48 5.47 -24.07 10.66
CA ASN B 48 6.79 -24.30 11.26
C ASN B 48 7.36 -25.68 10.86
N ASP B 49 7.59 -25.84 9.55
CA ASP B 49 8.18 -27.05 8.98
C ASP B 49 9.69 -27.01 9.19
N LYS B 50 10.19 -27.84 10.12
CA LYS B 50 11.62 -27.83 10.47
C LYS B 50 12.51 -28.35 9.34
N SER B 51 11.96 -29.08 8.33
CA SER B 51 12.75 -29.49 7.17
C SER B 51 13.13 -28.33 6.25
N LYS B 52 12.46 -27.16 6.39
CA LYS B 52 12.73 -25.99 5.57
C LYS B 52 13.23 -24.85 6.47
N THR B 53 13.97 -23.89 5.88
CA THR B 53 14.37 -22.69 6.62
C THR B 53 13.11 -21.84 6.95
N TRP B 54 13.16 -21.00 8.00
CA TRP B 54 12.02 -20.13 8.34
C TRP B 54 11.60 -19.26 7.14
N GLN B 55 12.56 -18.92 6.26
CA GLN B 55 12.32 -18.05 5.10
C GLN B 55 11.46 -18.74 4.02
N ALA B 56 11.65 -20.05 3.86
CA ALA B 56 10.85 -20.88 2.96
C ALA B 56 9.44 -21.14 3.48
N ASN B 57 9.35 -21.25 4.81
CA ASN B 57 8.09 -21.46 5.49
C ASN B 57 7.19 -20.23 5.46
N LEU B 58 7.74 -19.02 5.19
CA LEU B 58 6.99 -17.77 5.22
C LEU B 58 6.47 -17.37 3.85
N ARG B 59 5.15 -17.38 3.69
CA ARG B 59 4.53 -17.06 2.42
C ARG B 59 3.72 -15.79 2.54
N LEU B 60 3.98 -14.81 1.67
CA LEU B 60 3.05 -13.72 1.44
C LEU B 60 1.90 -14.21 0.59
N ILE B 61 0.68 -14.08 1.08
CA ILE B 61 -0.51 -14.51 0.32
C ILE B 61 -0.98 -13.38 -0.57
N SER B 62 -1.15 -12.19 -0.01
CA SER B 62 -1.84 -11.12 -0.73
C SER B 62 -1.70 -9.80 -0.01
N LYS B 63 -1.90 -8.69 -0.72
CA LYS B 63 -1.98 -7.33 -0.15
C LYS B 63 -3.18 -6.63 -0.65
N PHE B 64 -3.63 -5.65 0.12
CA PHE B 64 -4.81 -4.91 -0.17
C PHE B 64 -4.82 -3.59 0.61
N ASP B 65 -5.53 -2.62 0.08
CA ASP B 65 -5.71 -1.33 0.77
C ASP B 65 -7.13 -0.74 0.60
N THR B 66 -8.12 -1.56 0.40
CA THR B 66 -9.54 -1.10 0.45
C THR B 66 -10.40 -2.07 1.28
N VAL B 67 -11.54 -1.56 1.84
CA VAL B 67 -12.47 -2.38 2.60
C VAL B 67 -12.99 -3.56 1.77
N GLU B 68 -13.39 -3.29 0.52
CA GLU B 68 -13.95 -4.31 -0.38
C GLU B 68 -12.92 -5.40 -0.73
N ASP B 69 -11.67 -5.02 -0.95
CA ASP B 69 -10.60 -6.00 -1.23
C ASP B 69 -10.23 -6.84 0.02
N PHE B 70 -10.26 -6.22 1.21
CA PHE B 70 -10.21 -7.03 2.47
C PHE B 70 -11.28 -8.12 2.50
N TRP B 71 -12.55 -7.76 2.29
CA TRP B 71 -13.63 -8.75 2.35
C TRP B 71 -13.52 -9.82 1.31
N ALA B 72 -13.09 -9.49 0.09
CA ALA B 72 -12.92 -10.50 -0.98
C ALA B 72 -11.85 -11.50 -0.56
N LEU B 73 -10.71 -10.99 -0.01
CA LEU B 73 -9.67 -11.89 0.50
C LEU B 73 -10.14 -12.72 1.71
N TYR B 74 -10.88 -12.08 2.64
CA TYR B 74 -11.42 -12.75 3.84
C TYR B 74 -12.32 -13.92 3.43
N ASN B 75 -13.31 -13.66 2.59
CA ASN B 75 -14.25 -14.68 2.09
C ASN B 75 -13.49 -15.81 1.38
N HIS B 76 -12.56 -15.46 0.50
CA HIS B 76 -11.76 -16.46 -0.18
C HIS B 76 -10.94 -17.32 0.80
N ILE B 77 -10.24 -16.72 1.77
CA ILE B 77 -9.51 -17.52 2.74
C ILE B 77 -10.48 -18.31 3.63
N GLN B 78 -11.63 -17.73 4.02
CA GLN B 78 -12.60 -18.38 4.93
C GLN B 78 -13.25 -19.59 4.25
N LEU B 79 -13.68 -19.43 2.99
CA LEU B 79 -14.22 -20.52 2.16
C LEU B 79 -13.18 -21.57 1.79
N SER B 80 -12.01 -21.17 1.28
CA SER B 80 -10.99 -22.09 0.77
C SER B 80 -10.12 -22.72 1.87
N SER B 81 -10.53 -22.58 3.16
CA SER B 81 -9.67 -22.54 4.34
C SER B 81 -9.17 -23.88 4.91
N ASN B 82 -8.20 -23.73 5.84
CA ASN B 82 -7.69 -24.75 6.75
C ASN B 82 -7.52 -24.08 8.15
N LEU B 83 -7.77 -24.81 9.26
CA LEU B 83 -7.23 -24.45 10.57
C LEU B 83 -6.30 -25.59 10.98
N MET B 84 -5.21 -25.73 10.24
CA MET B 84 -4.18 -26.69 10.57
C MET B 84 -3.43 -26.13 11.78
N PRO B 85 -3.34 -26.86 12.92
CA PRO B 85 -2.39 -26.47 13.95
C PRO B 85 -0.96 -26.43 13.45
N GLY B 86 -0.14 -25.66 14.15
CA GLY B 86 1.21 -25.37 13.70
C GLY B 86 1.27 -24.25 12.66
N CYS B 87 0.09 -23.87 12.08
CA CYS B 87 0.07 -22.72 11.19
C CYS B 87 -0.12 -21.38 11.97
N ASP B 88 0.22 -20.33 11.27
CA ASP B 88 0.02 -19.00 11.71
C ASP B 88 -0.42 -18.17 10.49
N TYR B 89 -1.34 -17.25 10.71
CA TYR B 89 -1.68 -16.23 9.74
C TYR B 89 -1.42 -14.89 10.42
N SER B 90 -0.92 -13.98 9.66
CA SER B 90 -0.53 -12.66 10.15
C SER B 90 -0.99 -11.61 9.16
N LEU B 91 -1.60 -10.54 9.64
CA LEU B 91 -1.85 -9.38 8.80
C LEU B 91 -0.99 -8.20 9.33
N PHE B 92 -0.09 -7.68 8.48
CA PHE B 92 0.86 -6.64 8.85
C PHE B 92 0.83 -5.52 7.87
N LYS B 93 1.05 -4.31 8.35
CA LYS B 93 1.16 -3.12 7.47
C LYS B 93 2.23 -3.39 6.40
N ASP B 94 2.00 -2.92 5.22
CA ASP B 94 2.90 -3.10 4.08
C ASP B 94 4.32 -2.62 4.43
N GLY B 95 5.32 -3.50 4.27
CA GLY B 95 6.72 -3.20 4.53
C GLY B 95 7.23 -3.63 5.89
N ILE B 96 6.39 -4.27 6.67
CA ILE B 96 6.77 -4.83 7.95
C ILE B 96 6.66 -6.36 7.78
N GLU B 97 7.78 -7.04 7.93
CA GLU B 97 7.77 -8.49 8.08
C GLU B 97 7.16 -8.96 9.41
N PRO B 98 6.43 -10.10 9.32
CA PRO B 98 5.77 -10.65 10.51
C PRO B 98 6.74 -11.43 11.40
N MET B 99 7.91 -10.83 11.73
CA MET B 99 8.97 -11.43 12.52
C MET B 99 9.46 -10.35 13.49
N TRP B 100 9.72 -10.73 14.74
CA TRP B 100 9.99 -9.73 15.78
C TRP B 100 11.31 -8.96 15.50
N GLU B 101 12.24 -9.53 14.70
CA GLU B 101 13.51 -8.91 14.32
C GLU B 101 13.36 -7.80 13.33
N ASP B 102 12.18 -7.64 12.65
CA ASP B 102 11.94 -6.48 11.81
C ASP B 102 12.20 -5.19 12.60
N GLU B 103 12.78 -4.17 11.96
CA GLU B 103 13.03 -2.85 12.58
C GLU B 103 11.80 -2.29 13.27
N LYS B 104 10.61 -2.48 12.66
CA LYS B 104 9.35 -1.98 13.23
C LYS B 104 8.76 -2.85 14.35
N ASN B 105 9.30 -4.07 14.58
CA ASN B 105 8.87 -4.95 15.67
C ASN B 105 9.89 -5.12 16.80
N LYS B 106 11.18 -4.98 16.52
CA LYS B 106 12.21 -5.35 17.53
C LYS B 106 12.11 -4.61 18.87
N ARG B 107 11.66 -3.35 18.87
CA ARG B 107 11.50 -2.57 20.11
C ARG B 107 10.05 -2.67 20.68
N GLY B 108 9.23 -3.56 20.13
CA GLY B 108 7.81 -3.60 20.40
C GLY B 108 7.40 -4.84 21.15
N GLY B 109 6.12 -5.18 21.01
CA GLY B 109 5.51 -6.22 21.80
C GLY B 109 4.12 -6.54 21.29
N ARG B 110 3.35 -7.25 22.09
CA ARG B 110 2.02 -7.67 21.68
C ARG B 110 1.03 -7.75 22.79
N TRP B 111 -0.22 -7.43 22.48
CA TRP B 111 -1.37 -7.74 23.34
C TRP B 111 -1.84 -9.11 22.95
N LEU B 112 -1.85 -10.05 23.90
CA LEU B 112 -2.09 -11.46 23.65
C LEU B 112 -3.42 -11.91 24.29
N ILE B 113 -4.23 -12.59 23.47
CA ILE B 113 -5.50 -13.19 23.80
C ILE B 113 -5.21 -14.71 23.67
N THR B 114 -5.34 -15.43 24.75
CA THR B 114 -5.14 -16.89 24.75
C THR B 114 -6.49 -17.52 24.78
N LEU B 115 -6.78 -18.41 23.84
CA LEU B 115 -8.08 -19.10 23.84
C LEU B 115 -7.91 -20.54 24.38
N ASN B 116 -8.85 -21.03 25.22
CA ASN B 116 -8.88 -22.46 25.57
C ASN B 116 -9.40 -23.34 24.39
N LYS B 117 -9.17 -24.68 24.42
CA LYS B 117 -9.55 -25.61 23.34
C LYS B 117 -11.01 -25.47 22.88
N GLN B 118 -11.95 -25.29 23.82
CA GLN B 118 -13.37 -25.14 23.48
C GLN B 118 -13.61 -23.89 22.66
N GLN B 119 -12.90 -22.80 22.98
CA GLN B 119 -12.99 -21.54 22.24
C GLN B 119 -12.52 -21.62 20.82
N ARG B 120 -11.85 -22.72 20.38
CA ARG B 120 -11.61 -22.93 18.94
C ARG B 120 -12.93 -22.91 18.18
N ARG B 121 -13.97 -23.53 18.76
CA ARG B 121 -15.25 -23.68 18.07
C ARG B 121 -16.09 -22.41 18.27
N SER B 122 -16.11 -21.86 19.48
CA SER B 122 -16.98 -20.74 19.81
C SER B 122 -16.46 -19.32 19.47
N ASP B 123 -15.16 -19.00 19.81
CA ASP B 123 -14.63 -17.64 19.78
C ASP B 123 -13.54 -17.37 18.76
N LEU B 124 -12.81 -18.37 18.27
CA LEU B 124 -11.68 -18.12 17.37
C LEU B 124 -12.06 -17.29 16.15
N ASN B 125 -13.08 -17.74 15.37
CA ASN B 125 -13.42 -17.02 14.14
C ASN B 125 -13.86 -15.57 14.40
N ARG B 126 -14.68 -15.40 15.41
CA ARG B 126 -15.22 -14.09 15.78
C ARG B 126 -14.09 -13.16 16.30
N PHE B 127 -13.27 -13.61 17.24
CA PHE B 127 -12.19 -12.82 17.77
C PHE B 127 -11.18 -12.42 16.71
N TRP B 128 -10.84 -13.34 15.82
CA TRP B 128 -9.89 -13.04 14.75
C TRP B 128 -10.45 -11.96 13.83
N LEU B 129 -11.69 -12.10 13.40
CA LEU B 129 -12.34 -11.06 12.61
C LEU B 129 -12.37 -9.71 13.33
N GLU B 130 -12.80 -9.65 14.59
CA GLU B 130 -12.83 -8.39 15.33
C GLU B 130 -11.43 -7.72 15.38
N THR B 131 -10.38 -8.53 15.58
CA THR B 131 -9.00 -8.09 15.54
C THR B 131 -8.65 -7.44 14.21
N LEU B 132 -8.97 -8.14 13.10
CA LEU B 132 -8.74 -7.66 11.74
C LEU B 132 -9.45 -6.32 11.50
N LEU B 133 -10.69 -6.20 11.96
CA LEU B 133 -11.42 -4.93 11.82
C LEU B 133 -10.79 -3.76 12.62
N CYS B 134 -10.22 -4.02 13.76
CA CYS B 134 -9.53 -3.01 14.56
C CYS B 134 -8.31 -2.48 13.79
N LEU B 135 -7.61 -3.38 13.07
CA LEU B 135 -6.45 -3.02 12.31
C LEU B 135 -6.88 -2.15 11.13
N ILE B 136 -7.70 -2.70 10.22
CA ILE B 136 -7.96 -2.03 8.97
C ILE B 136 -8.80 -0.75 9.20
N GLY B 137 -9.66 -0.73 10.22
CA GLY B 137 -10.49 0.43 10.53
C GLY B 137 -9.79 1.53 11.32
N GLU B 138 -8.51 1.32 11.78
CA GLU B 138 -7.74 2.31 12.55
C GLU B 138 -8.48 2.67 13.83
N SER B 139 -8.90 1.65 14.59
CA SER B 139 -9.78 1.80 15.76
C SER B 139 -9.13 2.40 17.01
N PHE B 140 -7.87 2.67 16.98
CA PHE B 140 -7.09 3.15 18.15
C PHE B 140 -6.70 4.64 18.01
N ASP B 141 -7.40 5.40 17.15
CA ASP B 141 -7.17 6.85 17.01
C ASP B 141 -5.67 7.08 16.58
N ASP B 142 -4.95 8.09 17.10
CA ASP B 142 -3.57 8.31 16.63
C ASP B 142 -2.68 7.13 16.95
N TYR B 143 -3.02 6.34 18.01
CA TYR B 143 -2.21 5.22 18.43
C TYR B 143 -2.29 4.05 17.46
N SER B 144 -3.22 4.06 16.46
CA SER B 144 -3.21 3.10 15.37
C SER B 144 -1.90 3.08 14.61
N ASP B 145 -1.17 4.18 14.59
CA ASP B 145 0.19 4.21 14.01
C ASP B 145 1.20 3.33 14.72
N ASP B 146 0.99 3.04 16.00
CA ASP B 146 1.82 2.10 16.72
C ASP B 146 1.56 0.65 16.37
N VAL B 147 0.41 0.33 15.80
CA VAL B 147 0.09 -1.04 15.41
C VAL B 147 1.00 -1.48 14.24
N CYS B 148 1.60 -2.62 14.34
CA CYS B 148 2.33 -3.27 13.23
C CYS B 148 1.47 -4.30 12.47
N GLY B 149 0.74 -5.09 13.22
CA GLY B 149 0.00 -6.19 12.66
C GLY B 149 -0.65 -7.02 13.74
N ALA B 150 -1.21 -8.14 13.32
CA ALA B 150 -1.87 -9.10 14.21
C ALA B 150 -1.54 -10.48 13.73
N VAL B 151 -1.53 -11.45 14.65
CA VAL B 151 -1.12 -12.84 14.41
C VAL B 151 -2.10 -13.76 15.10
N VAL B 152 -2.58 -14.78 14.36
CA VAL B 152 -3.27 -15.90 14.98
C VAL B 152 -2.38 -17.13 14.86
N ASN B 153 -2.16 -17.81 16.00
CA ASN B 153 -1.44 -19.08 16.08
C ASN B 153 -2.47 -20.13 16.36
N VAL B 154 -2.66 -21.00 15.38
CA VAL B 154 -3.59 -22.11 15.48
C VAL B 154 -2.81 -23.27 16.12
N ARG B 155 -3.22 -23.68 17.30
CA ARG B 155 -2.51 -24.71 18.06
C ARG B 155 -3.52 -25.67 18.71
N ALA B 156 -3.18 -26.97 18.77
CA ALA B 156 -4.00 -28.02 19.41
C ALA B 156 -4.26 -27.73 20.90
N LYS B 157 -3.25 -27.28 21.62
CA LYS B 157 -3.35 -26.96 23.05
C LYS B 157 -4.13 -25.65 23.35
N GLY B 158 -4.38 -24.82 22.34
CA GLY B 158 -5.02 -23.53 22.57
C GLY B 158 -4.55 -22.50 21.59
N ASP B 159 -5.50 -21.81 20.99
CA ASP B 159 -5.19 -20.79 19.97
C ASP B 159 -4.77 -19.51 20.63
N LYS B 160 -3.94 -18.71 19.92
CA LYS B 160 -3.51 -17.39 20.41
C LYS B 160 -3.80 -16.34 19.34
N ILE B 161 -4.33 -15.21 19.74
CA ILE B 161 -4.51 -14.04 18.87
C ILE B 161 -3.77 -12.89 19.52
N ALA B 162 -3.07 -12.07 18.72
CA ALA B 162 -2.29 -10.95 19.26
C ALA B 162 -2.24 -9.75 18.32
N ILE B 163 -2.24 -8.53 18.86
CA ILE B 163 -1.93 -7.33 18.10
C ILE B 163 -0.50 -6.94 18.49
N TRP B 164 0.34 -6.81 17.47
CA TRP B 164 1.76 -6.45 17.59
C TRP B 164 1.84 -4.94 17.45
N THR B 165 2.57 -4.29 18.37
CA THR B 165 2.84 -2.85 18.30
C THR B 165 4.36 -2.56 18.25
N THR B 166 4.71 -1.35 17.84
CA THR B 166 6.07 -1.05 17.41
C THR B 166 7.04 -0.72 18.54
N GLU B 167 6.51 -0.24 19.67
CA GLU B 167 7.36 0.36 20.75
C GLU B 167 6.81 0.04 22.12
N CYS B 168 7.45 -0.90 22.85
CA CYS B 168 6.94 -1.31 24.14
C CYS B 168 6.99 -0.19 25.20
N GLU B 169 7.82 0.94 25.02
CA GLU B 169 7.91 2.05 25.97
C GLU B 169 6.92 3.15 25.76
N ASN B 170 6.10 3.08 24.70
CA ASN B 170 5.01 4.00 24.46
C ASN B 170 3.83 3.52 25.27
N ARG B 171 3.92 3.69 26.62
CA ARG B 171 2.85 3.28 27.54
C ARG B 171 1.46 3.80 27.17
N GLU B 172 1.30 5.11 26.90
CA GLU B 172 -0.02 5.65 26.61
C GLU B 172 -0.62 4.97 25.37
N ALA B 173 0.17 4.87 24.28
CA ALA B 173 -0.28 4.19 23.06
C ALA B 173 -0.65 2.72 23.30
N VAL B 174 0.22 1.98 23.98
CA VAL B 174 0.06 0.57 24.19
C VAL B 174 -1.18 0.31 25.03
N THR B 175 -1.37 1.07 26.12
CA THR B 175 -2.51 0.81 27.02
C THR B 175 -3.83 1.19 26.38
N HIS B 176 -3.88 2.30 25.61
CA HIS B 176 -5.07 2.67 24.86
C HIS B 176 -5.47 1.57 23.88
N ILE B 177 -4.50 1.02 23.15
CA ILE B 177 -4.70 -0.10 22.24
C ILE B 177 -5.31 -1.29 22.99
N GLY B 178 -4.73 -1.68 24.11
CA GLY B 178 -5.23 -2.81 24.88
C GLY B 178 -6.66 -2.63 25.35
N ARG B 179 -6.94 -1.49 25.92
CA ARG B 179 -8.26 -1.19 26.51
C ARG B 179 -9.34 -1.20 25.41
N VAL B 180 -9.07 -0.51 24.29
CA VAL B 180 -10.01 -0.52 23.16
C VAL B 180 -10.15 -1.92 22.54
N TYR B 181 -9.03 -2.65 22.37
CA TYR B 181 -9.05 -4.00 21.84
C TYR B 181 -9.95 -4.89 22.72
N LYS B 182 -9.74 -4.82 24.04
CA LYS B 182 -10.51 -5.60 25.01
C LYS B 182 -12.01 -5.32 24.86
N GLU B 183 -12.35 -4.06 24.70
CA GLU B 183 -13.72 -3.59 24.54
C GLU B 183 -14.34 -4.13 23.24
N ARG B 184 -13.55 -4.09 22.17
CA ARG B 184 -13.99 -4.59 20.88
C ARG B 184 -14.14 -6.09 20.85
N LEU B 185 -13.37 -6.81 21.67
CA LEU B 185 -13.55 -8.24 21.79
C LEU B 185 -14.79 -8.58 22.66
N GLY B 186 -15.29 -7.64 23.46
CA GLY B 186 -16.39 -7.87 24.38
C GLY B 186 -15.98 -8.69 25.57
N LEU B 187 -14.69 -8.66 25.96
CA LEU B 187 -14.25 -9.52 27.05
C LEU B 187 -14.79 -8.97 28.35
N PRO B 188 -15.26 -9.83 29.28
CA PRO B 188 -15.59 -9.33 30.63
C PRO B 188 -14.43 -8.56 31.26
N PRO B 189 -14.71 -7.45 31.95
CA PRO B 189 -13.66 -6.78 32.75
C PRO B 189 -12.82 -7.67 33.67
N LYS B 190 -13.41 -8.78 34.17
CA LYS B 190 -12.74 -9.84 34.94
C LYS B 190 -11.58 -10.45 34.16
N ILE B 191 -11.77 -10.68 32.83
CA ILE B 191 -10.78 -11.32 31.98
C ILE B 191 -9.72 -10.30 31.62
N VAL B 192 -8.48 -10.50 32.08
CA VAL B 192 -7.37 -9.58 31.83
C VAL B 192 -6.48 -10.05 30.68
N ILE B 193 -5.98 -9.07 29.89
CA ILE B 193 -5.09 -9.36 28.77
C ILE B 193 -3.73 -8.74 29.09
N GLY B 194 -2.68 -9.43 28.73
CA GLY B 194 -1.34 -8.97 28.96
C GLY B 194 -0.66 -8.50 27.70
N TYR B 195 0.18 -7.49 27.86
CA TYR B 195 1.10 -7.04 26.85
C TYR B 195 2.52 -7.45 27.19
N GLN B 196 3.18 -8.14 26.28
CA GLN B 196 4.50 -8.68 26.44
C GLN B 196 5.42 -8.10 25.39
N SER B 197 6.60 -7.62 25.80
CA SER B 197 7.62 -7.18 24.85
C SER B 197 8.14 -8.39 24.10
N HIS B 198 8.45 -8.21 22.82
CA HIS B 198 8.97 -9.32 22.04
C HIS B 198 10.33 -9.80 22.55
N ALA B 199 11.17 -8.92 23.09
CA ALA B 199 12.46 -9.33 23.64
C ALA B 199 12.25 -10.31 24.82
N ASP B 200 11.20 -10.13 25.64
CA ASP B 200 10.86 -11.10 26.71
C ASP B 200 10.21 -12.41 26.19
N THR B 201 9.31 -12.33 25.21
CA THR B 201 8.76 -13.54 24.59
C THR B 201 9.84 -14.42 23.96
N ALA B 202 10.89 -13.79 23.42
CA ALA B 202 11.94 -14.51 22.71
C ALA B 202 12.76 -15.40 23.63
N THR B 203 12.85 -15.05 24.93
CA THR B 203 13.60 -15.82 25.91
C THR B 203 12.68 -16.79 26.57
N LYS B 204 13.02 -18.09 26.54
CA LYS B 204 12.19 -19.10 27.19
C LYS B 204 12.71 -19.24 28.58
N SER B 205 11.91 -18.79 29.55
CA SER B 205 12.32 -18.74 30.96
C SER B 205 11.37 -19.53 31.92
N GLY B 206 10.51 -20.38 31.35
CA GLY B 206 9.62 -21.23 32.14
C GLY B 206 8.29 -21.41 31.43
N SER B 207 7.19 -21.58 32.20
CA SER B 207 5.84 -21.70 31.57
C SER B 207 5.26 -20.35 31.13
N THR B 208 5.76 -19.22 31.67
CA THR B 208 5.14 -17.91 31.46
C THR B 208 6.13 -16.85 30.97
N THR B 209 5.60 -15.83 30.31
CA THR B 209 6.31 -14.63 29.90
C THR B 209 5.74 -13.46 30.68
N LYS B 210 6.61 -12.62 31.25
CA LYS B 210 6.14 -11.50 32.03
C LYS B 210 5.38 -10.49 31.16
N ASN B 211 4.33 -9.96 31.73
CA ASN B 211 3.57 -8.87 31.18
C ASN B 211 4.14 -7.52 31.60
N ARG B 212 4.42 -6.73 30.62
CA ARG B 212 4.88 -5.37 30.78
C ARG B 212 3.63 -4.54 31.25
N PHE B 213 2.43 -4.78 30.67
CA PHE B 213 1.18 -4.13 31.06
C PHE B 213 0.05 -5.14 31.05
N VAL B 214 -1.01 -4.76 31.77
CA VAL B 214 -2.24 -5.50 31.84
C VAL B 214 -3.40 -4.50 31.77
N VAL B 215 -4.50 -4.92 31.18
CA VAL B 215 -5.76 -4.18 31.13
C VAL B 215 -6.91 -5.16 31.22
#